data_8UPA
#
_entry.id   8UPA
#
_cell.length_a   189.464
_cell.length_b   189.464
_cell.length_c   189.464
_cell.angle_alpha   90.00
_cell.angle_beta   90.00
_cell.angle_gamma   90.00
#
_symmetry.space_group_name_H-M   'I 21 3'
#
loop_
_entity.id
_entity.type
_entity.pdbx_description
1 polymer 'De novo designed IL-6 mimetic'
2 polymer 'Interleukin-6 receptor subunit beta'
3 non-polymer 2-acetamido-2-deoxy-beta-D-glucopyranose
4 non-polymer 'PHOSPHATE ION'
5 water water
#
loop_
_entity_poly.entity_id
_entity_poly.type
_entity_poly.pdbx_seq_one_letter_code
_entity_poly.pdbx_strand_id
1 'polypeptide(L)' DISERFRRLMRRADELARRGNPEEARKVLEEAEELMERYGSPELLESVRMLLEVLG A,C
2 'polypeptide(L)'
;DGSLPPEKPKNLSCIVNEGKKMRCEWDGGRETHLETNFTLKSEWATHKFADCKAKRDTPTSCTVDYSTVYFVNIEVWVEA
ENALGKVTSDHINFDPVYKVKPNPPHNLSVINSEELSSILKLTWTNPSIKSVIILKYNIQYRTKDASTWSQIPPEDTAST
RSSFTVQDLKPFTEYVFRIRCMKEDGKGYWSDWSEEASGITAA
;
B,D
#
# COMPACT_ATOMS: atom_id res chain seq x y z
N ASP A 1 -0.25 -16.90 -42.51
CA ASP A 1 -0.37 -17.96 -41.53
C ASP A 1 0.97 -18.24 -40.85
N ILE A 2 1.90 -17.29 -41.00
CA ILE A 2 3.21 -17.40 -40.36
C ILE A 2 3.03 -17.62 -38.86
N SER A 3 2.14 -16.84 -38.24
CA SER A 3 1.83 -17.04 -36.84
C SER A 3 1.13 -18.38 -36.61
N GLU A 4 0.21 -18.74 -37.52
CA GLU A 4 -0.50 -20.00 -37.38
C GLU A 4 0.44 -21.18 -37.54
N ARG A 5 1.44 -21.06 -38.40
CA ARG A 5 2.39 -22.15 -38.60
C ARG A 5 3.34 -22.29 -37.41
N PHE A 6 3.75 -21.16 -36.83
CA PHE A 6 4.67 -21.21 -35.69
C PHE A 6 4.00 -21.82 -34.47
N ARG A 7 2.71 -21.53 -34.26
CA ARG A 7 2.01 -22.14 -33.14
C ARG A 7 1.83 -23.64 -33.33
N ARG A 8 1.69 -24.09 -34.58
CA ARG A 8 1.64 -25.53 -34.84
C ARG A 8 2.97 -26.20 -34.53
N LEU A 9 4.09 -25.54 -34.81
CA LEU A 9 5.40 -26.12 -34.53
C LEU A 9 5.62 -26.25 -33.03
N MET A 10 5.34 -25.19 -32.28
CA MET A 10 5.47 -25.26 -30.83
C MET A 10 4.63 -26.38 -30.24
N ARG A 11 3.48 -26.68 -30.87
CA ARG A 11 2.64 -27.75 -30.37
C ARG A 11 3.30 -29.11 -30.55
N ARG A 12 3.94 -29.34 -31.70
CA ARG A 12 4.63 -30.62 -31.92
C ARG A 12 5.86 -30.74 -31.02
N ALA A 13 6.61 -29.65 -30.86
CA ALA A 13 7.81 -29.70 -30.04
C ALA A 13 7.48 -29.92 -28.57
N ASP A 14 6.37 -29.37 -28.10
CA ASP A 14 5.95 -29.61 -26.71
C ASP A 14 5.45 -31.05 -26.55
N GLU A 15 4.74 -31.57 -27.55
CA GLU A 15 4.32 -32.96 -27.52
C GLU A 15 5.52 -33.90 -27.52
N LEU A 16 6.51 -33.61 -28.36
CA LEU A 16 7.66 -34.50 -28.50
C LEU A 16 8.51 -34.51 -27.24
N ALA A 17 8.74 -33.34 -26.64
CA ALA A 17 9.60 -33.27 -25.46
C ALA A 17 8.97 -33.97 -24.26
N ARG A 18 7.65 -33.88 -24.12
CA ARG A 18 6.98 -34.57 -23.03
C ARG A 18 6.88 -36.07 -23.27
N ARG A 19 6.75 -36.49 -24.53
CA ARG A 19 6.73 -37.91 -24.85
C ARG A 19 8.08 -38.57 -24.56
N GLY A 20 9.17 -37.81 -24.67
CA GLY A 20 10.50 -38.36 -24.44
C GLY A 20 11.30 -38.46 -25.70
N ASN A 21 11.03 -37.56 -26.66
CA ASN A 21 11.73 -37.51 -27.93
C ASN A 21 12.42 -36.16 -28.05
N PRO A 22 13.52 -35.95 -27.32
CA PRO A 22 14.18 -34.63 -27.34
C PRO A 22 14.86 -34.33 -28.66
N GLU A 23 15.43 -35.34 -29.32
CA GLU A 23 16.12 -35.13 -30.58
C GLU A 23 15.17 -34.57 -31.63
N GLU A 24 13.95 -35.11 -31.71
CA GLU A 24 12.96 -34.58 -32.63
C GLU A 24 12.40 -33.25 -32.15
N ALA A 25 12.33 -33.04 -30.83
CA ALA A 25 11.89 -31.75 -30.30
C ALA A 25 12.86 -30.64 -30.68
N ARG A 26 14.16 -30.92 -30.62
CA ARG A 26 15.15 -29.95 -31.09
C ARG A 26 15.00 -29.69 -32.58
N LYS A 27 14.69 -30.75 -33.35
CA LYS A 27 14.49 -30.60 -34.80
C LYS A 27 13.35 -29.65 -35.10
N VAL A 28 12.22 -29.80 -34.39
CA VAL A 28 11.09 -28.89 -34.56
C VAL A 28 11.45 -27.47 -34.14
N LEU A 29 12.06 -27.34 -32.95
CA LEU A 29 12.43 -26.02 -32.45
C LEU A 29 13.39 -25.31 -33.39
N GLU A 30 14.30 -26.06 -34.02
CA GLU A 30 15.21 -25.45 -34.98
C GLU A 30 14.45 -24.94 -36.21
N GLU A 31 13.41 -25.66 -36.63
CA GLU A 31 12.56 -25.16 -37.71
C GLU A 31 11.80 -23.91 -37.28
N ALA A 32 11.25 -23.92 -36.06
CA ALA A 32 10.54 -22.75 -35.56
C ALA A 32 11.47 -21.55 -35.39
N GLU A 33 12.74 -21.80 -35.05
CA GLU A 33 13.68 -20.70 -34.86
C GLU A 33 14.02 -20.04 -36.19
N GLU A 34 14.17 -20.85 -37.24
CA GLU A 34 14.48 -20.30 -38.56
C GLU A 34 13.34 -19.42 -39.05
N LEU A 35 12.11 -19.81 -38.71
CA LEU A 35 10.95 -19.01 -39.07
C LEU A 35 10.94 -17.66 -38.36
N MET A 36 11.28 -17.63 -37.07
CA MET A 36 11.28 -16.37 -36.32
C MET A 36 12.40 -15.45 -36.78
N GLU A 37 13.54 -16.00 -37.17
CA GLU A 37 14.62 -15.17 -37.67
C GLU A 37 14.24 -14.49 -38.98
N ARG A 38 13.54 -15.22 -39.87
CA ARG A 38 13.17 -14.67 -41.16
C ARG A 38 12.01 -13.70 -41.07
N TYR A 39 10.92 -14.11 -40.42
CA TYR A 39 9.69 -13.31 -40.33
C TYR A 39 9.08 -13.51 -38.94
N GLY A 40 9.73 -12.95 -37.92
CA GLY A 40 9.25 -13.12 -36.57
C GLY A 40 9.66 -11.97 -35.68
N SER A 41 9.18 -12.03 -34.45
CA SER A 41 9.36 -11.09 -33.35
C SER A 41 10.56 -11.49 -32.49
N PRO A 42 11.25 -10.53 -31.88
CA PRO A 42 12.30 -10.89 -30.92
C PRO A 42 11.81 -11.73 -29.76
N GLU A 43 10.63 -11.41 -29.21
CA GLU A 43 10.09 -12.13 -28.06
C GLU A 43 9.92 -13.62 -28.35
N LEU A 44 9.45 -13.94 -29.56
CA LEU A 44 9.25 -15.35 -29.90
C LEU A 44 10.55 -16.02 -30.32
N LEU A 45 11.50 -15.26 -30.87
CA LEU A 45 12.79 -15.84 -31.23
C LEU A 45 13.59 -16.18 -29.97
N GLU A 46 13.53 -15.33 -28.95
CA GLU A 46 14.21 -15.62 -27.70
C GLU A 46 13.54 -16.79 -26.96
N SER A 47 12.22 -16.94 -27.13
CA SER A 47 11.52 -18.05 -26.49
C SER A 47 12.01 -19.38 -27.05
N VAL A 48 12.12 -19.47 -28.38
CA VAL A 48 12.58 -20.71 -29.01
C VAL A 48 14.04 -20.99 -28.64
N ARG A 49 14.90 -19.97 -28.71
CA ARG A 49 16.30 -20.16 -28.37
C ARG A 49 16.48 -20.56 -26.91
N MET A 50 15.62 -20.05 -26.03
CA MET A 50 15.67 -20.46 -24.63
C MET A 50 15.30 -21.92 -24.46
N LEU A 51 14.18 -22.35 -25.07
CA LEU A 51 13.78 -23.75 -24.99
C LEU A 51 14.87 -24.69 -25.48
N LEU A 52 15.58 -24.30 -26.55
CA LEU A 52 16.67 -25.14 -27.05
C LEU A 52 17.79 -25.26 -26.04
N GLU A 53 18.10 -24.17 -25.32
CA GLU A 53 19.16 -24.23 -24.31
C GLU A 53 18.82 -25.20 -23.19
N VAL A 54 17.56 -25.19 -22.75
CA VAL A 54 17.13 -26.08 -21.67
C VAL A 54 17.24 -27.54 -22.11
N LEU A 55 16.99 -27.82 -23.39
CA LEU A 55 17.05 -29.19 -23.89
C LEU A 55 18.46 -29.77 -23.71
N GLY A 56 19.48 -28.99 -24.06
CA GLY A 56 20.86 -29.43 -23.91
C GLY A 56 21.31 -30.52 -24.87
N GLY B 2 8.29 -20.40 19.66
CA GLY B 2 9.27 -21.45 19.45
C GLY B 2 9.90 -21.42 18.07
N SER B 3 10.94 -22.23 17.87
CA SER B 3 11.59 -22.35 16.58
C SER B 3 10.94 -23.49 15.79
N LEU B 4 10.52 -23.20 14.56
CA LEU B 4 9.71 -24.14 13.81
C LEU B 4 10.23 -24.32 12.40
N PRO B 5 10.04 -25.51 11.82
CA PRO B 5 10.37 -25.71 10.40
C PRO B 5 9.40 -24.97 9.50
N PRO B 6 9.78 -24.69 8.25
CA PRO B 6 8.95 -23.85 7.39
C PRO B 6 7.61 -24.49 7.07
N GLU B 7 6.60 -23.62 6.93
CA GLU B 7 5.28 -24.04 6.46
C GLU B 7 5.29 -24.19 4.95
N LYS B 8 4.44 -25.08 4.45
CA LYS B 8 4.34 -25.32 3.01
C LYS B 8 3.89 -24.04 2.32
N PRO B 9 4.65 -23.54 1.34
CA PRO B 9 4.23 -22.32 0.63
C PRO B 9 2.90 -22.53 -0.09
N LYS B 10 2.04 -21.52 0.00
CA LYS B 10 0.70 -21.56 -0.57
C LYS B 10 0.47 -20.36 -1.46
N ASN B 11 -0.54 -20.48 -2.34
CA ASN B 11 -0.96 -19.42 -3.26
C ASN B 11 0.19 -18.98 -4.16
N LEU B 12 0.70 -19.93 -4.94
CA LEU B 12 1.79 -19.68 -5.87
C LEU B 12 1.22 -19.20 -7.19
N SER B 13 1.50 -17.94 -7.53
CA SER B 13 1.08 -17.36 -8.81
C SER B 13 2.30 -16.77 -9.50
N CYS B 14 2.21 -16.65 -10.82
CA CYS B 14 3.30 -16.12 -11.63
C CYS B 14 2.76 -15.11 -12.63
N ILE B 15 3.54 -14.07 -12.89
CA ILE B 15 3.12 -12.99 -13.79
C ILE B 15 4.29 -12.60 -14.68
N VAL B 16 4.03 -12.45 -15.97
CA VAL B 16 5.03 -11.97 -16.91
C VAL B 16 4.68 -10.53 -17.33
N ASN B 17 5.26 -9.55 -16.65
CA ASN B 17 5.10 -8.17 -17.07
C ASN B 17 5.86 -7.94 -18.38
N GLU B 18 5.17 -7.36 -19.37
CA GLU B 18 5.79 -7.15 -20.67
C GLU B 18 7.06 -6.32 -20.52
N GLY B 19 8.17 -6.87 -21.02
CA GLY B 19 9.47 -6.26 -20.92
C GLY B 19 10.34 -6.85 -19.82
N LYS B 20 9.73 -7.40 -18.78
CA LYS B 20 10.45 -8.01 -17.67
C LYS B 20 10.37 -9.53 -17.76
N LYS B 21 11.20 -10.19 -16.97
CA LYS B 21 11.20 -11.64 -16.90
C LYS B 21 10.06 -12.12 -16.00
N MET B 22 9.83 -13.43 -16.02
CA MET B 22 8.74 -14.01 -15.24
C MET B 22 9.02 -13.86 -13.75
N ARG B 23 8.02 -13.36 -13.02
CA ARG B 23 8.08 -13.21 -11.57
C ARG B 23 6.97 -14.04 -10.94
N CYS B 24 7.29 -14.73 -9.85
CA CYS B 24 6.35 -15.58 -9.14
C CYS B 24 6.29 -15.19 -7.68
N GLU B 25 5.09 -15.28 -7.10
CA GLU B 25 4.85 -14.88 -5.73
C GLU B 25 4.20 -16.02 -4.96
N TRP B 26 4.36 -16.01 -3.64
CA TRP B 26 3.80 -17.05 -2.79
C TRP B 26 3.61 -16.51 -1.38
N ASP B 27 2.97 -17.32 -0.55
CA ASP B 27 2.73 -17.03 0.86
C ASP B 27 3.62 -17.94 1.68
N GLY B 28 4.61 -17.35 2.37
CA GLY B 28 5.57 -18.13 3.13
C GLY B 28 4.98 -18.84 4.34
N GLY B 29 3.81 -18.43 4.80
CA GLY B 29 3.19 -19.07 5.94
C GLY B 29 3.62 -18.46 7.26
N ARG B 30 3.46 -19.25 8.32
CA ARG B 30 3.72 -18.79 9.68
C ARG B 30 5.18 -18.39 9.85
N GLU B 31 5.41 -17.52 10.84
CA GLU B 31 6.77 -17.10 11.18
C GLU B 31 7.51 -18.27 11.82
N THR B 32 8.67 -18.61 11.26
CA THR B 32 9.47 -19.72 11.75
C THR B 32 10.47 -19.32 12.81
N HIS B 33 10.74 -18.03 12.97
CA HIS B 33 11.77 -17.51 13.87
C HIS B 33 13.15 -18.05 13.52
N LEU B 34 13.34 -18.47 12.28
CA LEU B 34 14.60 -19.01 11.78
C LEU B 34 14.88 -18.43 10.41
N GLU B 35 16.17 -18.32 10.07
CA GLU B 35 16.55 -17.87 8.74
C GLU B 35 16.06 -18.89 7.73
N THR B 36 15.12 -18.49 6.86
CA THR B 36 14.52 -19.40 5.89
C THR B 36 14.90 -18.96 4.48
N ASN B 37 15.36 -19.92 3.67
CA ASN B 37 15.69 -19.68 2.28
C ASN B 37 14.57 -20.21 1.39
N PHE B 38 14.23 -19.44 0.36
CA PHE B 38 13.21 -19.82 -0.61
C PHE B 38 13.85 -19.97 -1.98
N THR B 39 13.48 -21.04 -2.68
CA THR B 39 13.98 -21.31 -4.01
C THR B 39 12.82 -21.66 -4.93
N LEU B 40 12.80 -21.07 -6.12
CA LEU B 40 11.75 -21.29 -7.11
C LEU B 40 12.29 -22.22 -8.19
N LYS B 41 11.90 -23.48 -8.11
CA LYS B 41 12.34 -24.47 -9.09
C LYS B 41 11.41 -24.46 -10.31
N SER B 42 11.99 -24.73 -11.47
CA SER B 42 11.25 -24.66 -12.72
C SER B 42 11.78 -25.71 -13.67
N GLU B 43 10.93 -26.13 -14.62
CA GLU B 43 11.32 -27.13 -15.60
C GLU B 43 10.27 -27.20 -16.70
N TRP B 44 10.69 -27.75 -17.84
CA TRP B 44 9.83 -28.01 -18.99
C TRP B 44 10.13 -29.40 -19.50
N ALA B 45 9.08 -30.21 -19.67
CA ALA B 45 9.21 -31.64 -19.96
C ALA B 45 10.01 -32.22 -18.80
N THR B 46 11.05 -33.02 -19.04
CA THR B 46 11.92 -33.43 -17.95
C THR B 46 12.98 -32.39 -17.66
N HIS B 47 13.33 -31.58 -18.66
CA HIS B 47 14.47 -30.66 -18.57
C HIS B 47 14.19 -29.54 -17.58
N LYS B 48 15.17 -29.28 -16.72
CA LYS B 48 15.03 -28.31 -15.64
C LYS B 48 15.55 -26.94 -16.05
N PHE B 49 14.90 -25.90 -15.54
CA PHE B 49 15.33 -24.53 -15.68
C PHE B 49 16.33 -24.16 -14.59
N ALA B 50 16.93 -22.97 -14.74
CA ALA B 50 17.83 -22.45 -13.73
C ALA B 50 17.05 -22.11 -12.45
N ASP B 51 17.59 -22.51 -11.31
CA ASP B 51 16.94 -22.25 -10.03
C ASP B 51 16.97 -20.75 -9.70
N CYS B 52 15.92 -20.31 -9.00
CA CYS B 52 15.78 -18.92 -8.60
C CYS B 52 15.79 -18.85 -7.07
N LYS B 53 16.77 -18.14 -6.51
CA LYS B 53 16.86 -17.97 -5.06
C LYS B 53 16.38 -16.56 -4.71
N ALA B 54 15.32 -16.48 -3.93
CA ALA B 54 14.70 -15.20 -3.61
C ALA B 54 15.60 -14.36 -2.73
N LYS B 55 15.69 -13.06 -3.05
CA LYS B 55 16.50 -12.14 -2.28
C LYS B 55 15.95 -11.99 -0.87
N ARG B 56 16.83 -11.56 0.05
CA ARG B 56 16.40 -11.39 1.44
C ARG B 56 15.44 -10.23 1.62
N ASP B 57 15.47 -9.24 0.72
CA ASP B 57 14.55 -8.12 0.81
C ASP B 57 13.15 -8.49 0.32
N THR B 58 13.05 -9.44 -0.59
CA THR B 58 11.77 -9.89 -1.15
C THR B 58 11.67 -11.39 -0.95
N PRO B 59 11.37 -11.84 0.27
CA PRO B 59 11.40 -13.29 0.57
C PRO B 59 10.20 -14.07 0.04
N THR B 60 9.22 -13.41 -0.57
CA THR B 60 8.07 -14.09 -1.14
C THR B 60 7.94 -13.85 -2.64
N SER B 61 9.03 -13.50 -3.31
CA SER B 61 9.00 -13.22 -4.74
C SER B 61 10.34 -13.59 -5.35
N CYS B 62 10.30 -14.06 -6.59
CA CYS B 62 11.50 -14.39 -7.35
C CYS B 62 11.25 -14.07 -8.81
N THR B 63 12.25 -13.47 -9.46
CA THR B 63 12.20 -13.15 -10.88
C THR B 63 13.27 -14.00 -11.58
N VAL B 64 12.82 -14.93 -12.43
CA VAL B 64 13.73 -15.91 -13.01
C VAL B 64 14.79 -15.23 -13.88
N ASP B 65 15.87 -15.98 -14.13
CA ASP B 65 16.98 -15.50 -14.96
C ASP B 65 16.83 -15.86 -16.43
N TYR B 66 15.95 -16.80 -16.76
CA TYR B 66 15.80 -17.25 -18.14
C TYR B 66 14.71 -16.46 -18.85
N SER B 67 14.88 -16.31 -20.17
CA SER B 67 13.93 -15.55 -20.96
C SER B 67 12.55 -16.19 -20.90
N THR B 68 11.51 -15.36 -21.06
CA THR B 68 10.15 -15.86 -21.04
C THR B 68 9.91 -16.76 -22.24
N VAL B 69 9.29 -17.91 -22.01
CA VAL B 69 9.03 -18.91 -23.05
C VAL B 69 7.53 -19.05 -23.20
N TYR B 70 7.05 -19.02 -24.44
CA TYR B 70 5.64 -19.05 -24.73
C TYR B 70 5.26 -20.33 -25.47
N PHE B 71 4.00 -20.70 -25.34
CA PHE B 71 3.35 -21.78 -26.09
C PHE B 71 3.88 -23.16 -25.71
N VAL B 72 4.45 -23.30 -24.51
CA VAL B 72 4.78 -24.59 -23.93
C VAL B 72 4.31 -24.59 -22.48
N ASN B 73 4.25 -25.78 -21.89
CA ASN B 73 3.73 -25.98 -20.55
C ASN B 73 4.87 -26.28 -19.59
N ILE B 74 5.15 -25.34 -18.68
CA ILE B 74 6.22 -25.48 -17.71
C ILE B 74 5.63 -25.88 -16.36
N GLU B 75 6.50 -26.36 -15.48
CA GLU B 75 6.12 -26.79 -14.13
C GLU B 75 6.94 -26.00 -13.11
N VAL B 76 6.25 -25.32 -12.20
CA VAL B 76 6.88 -24.43 -11.23
C VAL B 76 6.46 -24.83 -9.83
N TRP B 77 7.37 -24.64 -8.86
CA TRP B 77 7.06 -24.86 -7.46
C TRP B 77 8.14 -24.19 -6.61
N VAL B 78 7.77 -23.87 -5.37
CA VAL B 78 8.65 -23.20 -4.42
C VAL B 78 9.15 -24.21 -3.40
N GLU B 79 10.42 -24.08 -3.02
CA GLU B 79 11.07 -24.94 -2.05
C GLU B 79 11.60 -24.07 -0.92
N ALA B 80 11.01 -24.21 0.27
CA ALA B 80 11.39 -23.43 1.44
C ALA B 80 12.20 -24.31 2.40
N GLU B 81 13.20 -23.72 3.03
CA GLU B 81 14.11 -24.48 3.87
C GLU B 81 14.73 -23.59 4.94
N ASN B 82 14.88 -24.15 6.13
CA ASN B 82 15.63 -23.51 7.21
C ASN B 82 16.37 -24.61 7.96
N ALA B 83 16.95 -24.25 9.11
CA ALA B 83 17.73 -25.20 9.89
C ALA B 83 16.90 -26.40 10.36
N LEU B 84 15.56 -26.30 10.34
CA LEU B 84 14.70 -27.32 10.92
C LEU B 84 13.96 -28.17 9.91
N GLY B 85 14.13 -27.93 8.61
CA GLY B 85 13.45 -28.77 7.63
C GLY B 85 13.34 -28.08 6.29
N LYS B 86 12.96 -28.89 5.30
CA LYS B 86 12.79 -28.44 3.92
C LYS B 86 11.44 -28.95 3.42
N VAL B 87 10.57 -28.03 3.00
CA VAL B 87 9.26 -28.36 2.45
C VAL B 87 9.11 -27.73 1.08
N THR B 88 8.35 -28.40 0.22
CA THR B 88 8.07 -27.92 -1.13
C THR B 88 6.58 -27.66 -1.27
N SER B 89 6.24 -26.66 -2.08
CA SER B 89 4.85 -26.33 -2.33
C SER B 89 4.27 -27.30 -3.36
N ASP B 90 2.96 -27.15 -3.61
CA ASP B 90 2.32 -27.93 -4.65
C ASP B 90 2.73 -27.38 -6.02
N HIS B 91 3.00 -28.29 -6.94
CA HIS B 91 3.44 -27.89 -8.27
C HIS B 91 2.28 -27.28 -9.06
N ILE B 92 2.61 -26.29 -9.88
CA ILE B 92 1.66 -25.67 -10.79
C ILE B 92 2.15 -25.86 -12.22
N ASN B 93 1.20 -26.02 -13.14
CA ASN B 93 1.50 -26.25 -14.55
C ASN B 93 0.71 -25.25 -15.38
N PHE B 94 1.41 -24.46 -16.19
CA PHE B 94 0.76 -23.40 -16.96
C PHE B 94 1.61 -23.07 -18.17
N ASP B 95 0.99 -22.35 -19.11
CA ASP B 95 1.65 -21.82 -20.30
C ASP B 95 1.85 -20.33 -20.09
N PRO B 96 3.09 -19.84 -19.98
CA PRO B 96 3.31 -18.44 -19.63
C PRO B 96 2.61 -17.42 -20.53
N VAL B 97 2.19 -17.85 -21.72
CA VAL B 97 1.44 -16.95 -22.61
C VAL B 97 0.13 -16.50 -21.98
N TYR B 98 -0.41 -17.26 -21.02
CA TYR B 98 -1.65 -16.92 -20.34
C TYR B 98 -1.44 -16.11 -19.07
N LYS B 99 -0.23 -15.63 -18.83
CA LYS B 99 0.11 -14.89 -17.61
C LYS B 99 0.81 -13.59 -17.95
N VAL B 100 0.40 -12.95 -19.04
CA VAL B 100 1.07 -11.74 -19.54
C VAL B 100 0.31 -10.51 -19.07
N LYS B 101 1.06 -9.51 -18.60
CA LYS B 101 0.51 -8.19 -18.30
C LYS B 101 1.11 -7.20 -19.29
N PRO B 102 0.38 -6.84 -20.35
CA PRO B 102 0.95 -5.95 -21.36
C PRO B 102 1.19 -4.55 -20.82
N ASN B 103 1.92 -3.78 -21.60
CA ASN B 103 2.02 -2.37 -21.35
C ASN B 103 0.81 -1.65 -21.95
N PRO B 104 0.33 -0.60 -21.29
CA PRO B 104 -0.82 0.12 -21.83
C PRO B 104 -0.50 0.69 -23.19
N PRO B 105 -1.49 0.77 -24.08
CA PRO B 105 -1.23 1.36 -25.40
C PRO B 105 -0.83 2.82 -25.27
N HIS B 106 0.11 3.25 -26.10
CA HIS B 106 0.57 4.62 -26.11
C HIS B 106 0.08 5.32 -27.37
N ASN B 107 0.40 6.62 -27.46
CA ASN B 107 0.01 7.45 -28.60
C ASN B 107 -1.50 7.60 -28.73
N LEU B 108 -2.23 7.51 -27.62
CA LEU B 108 -3.68 7.67 -27.69
C LEU B 108 -4.02 9.08 -28.12
N SER B 109 -4.80 9.19 -29.20
CA SER B 109 -5.13 10.50 -29.77
C SER B 109 -6.53 10.46 -30.35
N VAL B 110 -7.15 11.64 -30.41
CA VAL B 110 -8.45 11.83 -31.03
C VAL B 110 -8.21 12.50 -32.39
N ILE B 111 -8.41 11.75 -33.47
CA ILE B 111 -8.02 12.22 -34.79
C ILE B 111 -8.93 13.37 -35.25
N ASN B 112 -10.24 13.11 -35.32
CA ASN B 112 -11.16 14.03 -35.99
C ASN B 112 -11.88 14.92 -34.97
N SER B 113 -11.10 15.63 -34.19
CA SER B 113 -11.69 16.61 -33.27
C SER B 113 -12.39 17.70 -34.07
N GLU B 114 -13.61 18.04 -33.62
CA GLU B 114 -14.42 19.10 -34.19
C GLU B 114 -14.80 18.85 -35.65
N GLU B 115 -14.80 17.59 -36.10
CA GLU B 115 -15.16 17.28 -37.47
C GLU B 115 -16.62 16.85 -37.60
N LEU B 116 -17.05 15.84 -36.84
CA LEU B 116 -18.42 15.37 -36.83
C LEU B 116 -19.07 15.66 -35.47
N SER B 117 -20.39 15.92 -35.50
CA SER B 117 -21.10 16.38 -34.32
C SER B 117 -21.20 15.28 -33.25
N SER B 118 -21.49 14.05 -33.66
CA SER B 118 -21.75 12.99 -32.68
C SER B 118 -20.62 11.98 -32.49
N ILE B 119 -19.61 11.95 -33.36
CA ILE B 119 -18.60 10.91 -33.26
C ILE B 119 -17.20 11.50 -33.11
N LEU B 120 -16.34 10.77 -32.42
CA LEU B 120 -14.93 11.08 -32.29
C LEU B 120 -14.14 9.79 -32.49
N LYS B 121 -13.15 9.82 -33.37
CA LYS B 121 -12.36 8.63 -33.64
C LYS B 121 -11.11 8.63 -32.77
N LEU B 122 -10.74 7.45 -32.29
CA LEU B 122 -9.56 7.27 -31.45
C LEU B 122 -8.52 6.45 -32.19
N THR B 123 -7.25 6.73 -31.91
CA THR B 123 -6.15 5.92 -32.43
C THR B 123 -5.09 5.77 -31.34
N TRP B 124 -4.41 4.64 -31.36
CA TRP B 124 -3.36 4.34 -30.40
C TRP B 124 -2.33 3.43 -31.06
N THR B 125 -1.31 3.06 -30.30
CA THR B 125 -0.30 2.11 -30.74
C THR B 125 -0.26 0.95 -29.77
N ASN B 126 -0.49 -0.26 -30.27
CA ASN B 126 -0.52 -1.43 -29.41
C ASN B 126 0.88 -1.74 -28.88
N PRO B 127 0.97 -2.37 -27.72
CA PRO B 127 2.28 -2.78 -27.20
C PRO B 127 2.90 -3.87 -28.06
N SER B 128 4.22 -4.01 -27.93
CA SER B 128 4.97 -4.94 -28.74
C SER B 128 4.48 -6.38 -28.58
N ILE B 129 3.91 -6.71 -27.42
CA ILE B 129 3.46 -8.07 -27.11
C ILE B 129 2.31 -8.50 -28.02
N LYS B 130 1.83 -7.58 -28.86
CA LYS B 130 0.80 -7.94 -29.83
C LYS B 130 1.28 -9.02 -30.81
N SER B 131 2.59 -9.22 -30.93
CA SER B 131 3.12 -10.26 -31.81
C SER B 131 2.81 -11.65 -31.27
N VAL B 132 2.63 -11.79 -29.97
CA VAL B 132 2.37 -13.08 -29.34
C VAL B 132 0.87 -13.31 -29.14
N ILE B 133 0.19 -12.38 -28.48
CA ILE B 133 -1.21 -12.55 -28.13
C ILE B 133 -2.07 -11.61 -28.95
N ILE B 134 -3.36 -11.90 -28.98
CA ILE B 134 -4.37 -11.01 -29.55
C ILE B 134 -5.00 -10.24 -28.42
N LEU B 135 -5.01 -8.91 -28.52
CA LEU B 135 -5.42 -8.07 -27.42
C LEU B 135 -6.92 -7.78 -27.45
N LYS B 136 -7.51 -7.67 -26.26
CA LYS B 136 -8.85 -7.14 -26.08
C LYS B 136 -8.75 -5.89 -25.22
N TYR B 137 -9.57 -4.90 -25.53
CA TYR B 137 -9.41 -3.57 -24.95
C TYR B 137 -10.59 -3.22 -24.04
N ASN B 138 -10.46 -2.06 -23.38
CA ASN B 138 -11.46 -1.57 -22.45
C ASN B 138 -11.36 -0.04 -22.46
N ILE B 139 -12.18 0.58 -23.32
CA ILE B 139 -12.13 2.01 -23.55
C ILE B 139 -13.14 2.71 -22.65
N GLN B 140 -12.68 3.74 -21.93
CA GLN B 140 -13.54 4.54 -21.08
C GLN B 140 -13.48 5.99 -21.52
N TYR B 141 -14.57 6.72 -21.27
CA TYR B 141 -14.68 8.10 -21.68
C TYR B 141 -15.60 8.84 -20.73
N ARG B 142 -15.41 10.15 -20.65
CA ARG B 142 -16.24 11.00 -19.80
C ARG B 142 -16.05 12.45 -20.22
N THR B 143 -16.99 13.29 -19.80
CA THR B 143 -16.85 14.72 -20.01
C THR B 143 -15.81 15.29 -19.05
N LYS B 144 -15.41 16.54 -19.32
CA LYS B 144 -14.41 17.19 -18.49
C LYS B 144 -14.87 17.29 -17.05
N ASP B 145 -16.14 17.60 -16.83
CA ASP B 145 -16.71 17.81 -15.49
C ASP B 145 -17.28 16.54 -14.88
N ALA B 146 -17.14 15.39 -15.54
CA ALA B 146 -17.75 14.17 -15.04
C ALA B 146 -16.98 13.63 -13.84
N SER B 147 -17.74 13.09 -12.87
CA SER B 147 -17.15 12.45 -11.71
C SER B 147 -16.88 10.97 -11.96
N THR B 148 -17.79 10.27 -12.63
CA THR B 148 -17.64 8.87 -12.98
C THR B 148 -17.32 8.73 -14.46
N TRP B 149 -16.69 7.60 -14.80
CA TRP B 149 -16.33 7.30 -16.18
C TRP B 149 -17.42 6.46 -16.85
N SER B 150 -17.70 6.78 -18.11
CA SER B 150 -18.57 5.95 -18.92
C SER B 150 -17.77 4.87 -19.62
N GLN B 151 -18.45 3.79 -20.00
CA GLN B 151 -17.79 2.60 -20.53
C GLN B 151 -18.20 2.35 -21.97
N ILE B 152 -17.21 2.07 -22.81
CA ILE B 152 -17.47 1.55 -24.15
C ILE B 152 -17.71 0.05 -24.04
N PRO B 153 -18.80 -0.47 -24.58
CA PRO B 153 -19.13 -1.90 -24.43
C PRO B 153 -17.95 -2.79 -24.76
N PRO B 154 -17.45 -3.54 -23.77
CA PRO B 154 -16.24 -4.36 -23.99
C PRO B 154 -16.40 -5.42 -25.07
N GLU B 155 -17.62 -5.69 -25.54
CA GLU B 155 -17.83 -6.69 -26.57
C GLU B 155 -17.43 -6.19 -27.95
N ASP B 156 -17.41 -4.87 -28.15
CA ASP B 156 -16.97 -4.32 -29.43
C ASP B 156 -15.45 -4.19 -29.48
N THR B 157 -14.83 -3.79 -28.38
CA THR B 157 -13.37 -3.71 -28.26
C THR B 157 -12.83 -5.04 -27.75
N ALA B 158 -12.89 -6.05 -28.62
CA ALA B 158 -12.55 -7.41 -28.22
C ALA B 158 -11.52 -8.06 -29.13
N SER B 159 -10.92 -7.33 -30.07
CA SER B 159 -9.89 -7.88 -30.93
C SER B 159 -8.82 -6.82 -31.15
N THR B 160 -7.63 -7.27 -31.55
CA THR B 160 -6.51 -6.35 -31.77
C THR B 160 -6.89 -5.32 -32.83
N ARG B 161 -6.70 -4.05 -32.51
CA ARG B 161 -7.09 -2.97 -33.41
C ARG B 161 -6.29 -1.72 -33.05
N SER B 162 -6.11 -0.85 -34.04
CA SER B 162 -5.39 0.40 -33.86
C SER B 162 -6.29 1.60 -33.62
N SER B 163 -7.60 1.46 -33.85
CA SER B 163 -8.49 2.61 -33.78
C SER B 163 -9.89 2.16 -33.36
N PHE B 164 -10.70 3.15 -33.00
CA PHE B 164 -12.08 2.93 -32.60
C PHE B 164 -12.83 4.25 -32.77
N THR B 165 -14.08 4.17 -33.22
CA THR B 165 -14.90 5.34 -33.49
C THR B 165 -16.02 5.41 -32.44
N VAL B 166 -15.88 6.31 -31.48
CA VAL B 166 -16.88 6.48 -30.43
C VAL B 166 -18.05 7.28 -30.99
N GLN B 167 -19.25 6.70 -30.92
CA GLN B 167 -20.46 7.33 -31.43
C GLN B 167 -21.32 7.90 -30.30
N ASP B 168 -22.38 8.60 -30.71
CA ASP B 168 -23.47 9.02 -29.82
C ASP B 168 -22.97 9.97 -28.73
N LEU B 169 -22.24 11.00 -29.14
CA LEU B 169 -21.73 12.01 -28.24
C LEU B 169 -22.45 13.34 -28.47
N LYS B 170 -22.56 14.13 -27.40
CA LYS B 170 -23.28 15.38 -27.47
C LYS B 170 -22.46 16.42 -28.25
N PRO B 171 -23.13 17.35 -28.92
CA PRO B 171 -22.40 18.28 -29.80
C PRO B 171 -21.57 19.30 -29.03
N PHE B 172 -20.40 19.61 -29.59
CA PHE B 172 -19.44 20.60 -29.07
C PHE B 172 -19.25 20.48 -27.57
N THR B 173 -18.89 19.28 -27.13
CA THR B 173 -18.51 19.02 -25.75
C THR B 173 -17.15 18.34 -25.75
N GLU B 174 -16.33 18.66 -24.74
CA GLU B 174 -14.99 18.12 -24.66
C GLU B 174 -15.00 16.80 -23.90
N TYR B 175 -14.35 15.78 -24.46
CA TYR B 175 -14.32 14.44 -23.91
C TYR B 175 -12.89 14.01 -23.59
N VAL B 176 -12.76 13.10 -22.65
CA VAL B 176 -11.49 12.50 -22.27
C VAL B 176 -11.62 10.98 -22.38
N PHE B 177 -10.56 10.31 -22.81
CA PHE B 177 -10.57 8.88 -23.03
C PHE B 177 -9.34 8.23 -22.41
N ARG B 178 -9.48 6.96 -22.07
CA ARG B 178 -8.36 6.14 -21.59
C ARG B 178 -8.64 4.69 -21.94
N ILE B 179 -7.59 3.92 -22.21
CA ILE B 179 -7.73 2.55 -22.69
C ILE B 179 -6.72 1.65 -21.99
N ARG B 180 -7.14 0.41 -21.73
CA ARG B 180 -6.27 -0.63 -21.22
C ARG B 180 -6.48 -1.88 -22.07
N CYS B 181 -5.54 -2.82 -22.00
CA CYS B 181 -5.60 -4.01 -22.85
C CYS B 181 -5.10 -5.24 -22.11
N MET B 182 -5.45 -6.41 -22.65
CA MET B 182 -5.05 -7.71 -22.13
C MET B 182 -5.43 -8.76 -23.16
N LYS B 183 -4.95 -9.99 -22.94
CA LYS B 183 -5.21 -11.09 -23.85
C LYS B 183 -6.72 -11.33 -24.00
N GLU B 184 -7.16 -11.51 -25.25
CA GLU B 184 -8.59 -11.64 -25.54
C GLU B 184 -9.22 -12.84 -24.85
N ASP B 185 -8.43 -13.83 -24.45
CA ASP B 185 -8.97 -14.97 -23.70
C ASP B 185 -9.60 -14.52 -22.39
N GLY B 186 -9.12 -13.42 -21.82
CA GLY B 186 -9.31 -13.16 -20.41
C GLY B 186 -8.33 -13.88 -19.53
N LYS B 187 -7.45 -14.69 -20.12
CA LYS B 187 -6.46 -15.47 -19.40
C LYS B 187 -5.17 -14.66 -19.37
N GLY B 188 -5.00 -13.89 -18.30
CA GLY B 188 -3.85 -13.02 -18.18
C GLY B 188 -4.16 -11.90 -17.20
N TYR B 189 -3.36 -10.84 -17.30
CA TYR B 189 -3.50 -9.68 -16.44
C TYR B 189 -3.81 -8.45 -17.27
N TRP B 190 -4.67 -7.59 -16.72
CA TRP B 190 -4.99 -6.33 -17.38
C TRP B 190 -3.80 -5.38 -17.31
N SER B 191 -3.59 -4.63 -18.38
CA SER B 191 -2.61 -3.57 -18.35
C SER B 191 -3.16 -2.40 -17.54
N ASP B 192 -2.27 -1.49 -17.17
CA ASP B 192 -2.70 -0.27 -16.49
C ASP B 192 -3.38 0.66 -17.49
N TRP B 193 -3.90 1.77 -16.99
CA TRP B 193 -4.55 2.73 -17.88
C TRP B 193 -3.52 3.49 -18.70
N SER B 194 -3.90 3.81 -19.93
CA SER B 194 -3.07 4.60 -20.82
C SER B 194 -3.15 6.08 -20.46
N GLU B 195 -2.29 6.87 -21.09
CA GLU B 195 -2.39 8.32 -20.98
C GLU B 195 -3.71 8.81 -21.56
N GLU B 196 -4.31 9.81 -20.92
CA GLU B 196 -5.62 10.30 -21.34
C GLU B 196 -5.53 11.16 -22.60
N ALA B 197 -6.53 11.00 -23.47
CA ALA B 197 -6.63 11.77 -24.71
C ALA B 197 -7.92 12.58 -24.73
N SER B 198 -7.87 13.76 -25.34
CA SER B 198 -8.98 14.71 -25.32
C SER B 198 -9.45 15.06 -26.74
N GLY B 199 -10.65 15.62 -26.83
CA GLY B 199 -11.19 16.02 -28.12
C GLY B 199 -12.55 16.66 -27.95
N ILE B 200 -12.92 17.45 -28.96
CA ILE B 200 -14.20 18.16 -29.00
C ILE B 200 -15.01 17.70 -30.19
N THR B 201 -16.34 17.67 -30.01
CA THR B 201 -17.26 17.08 -30.96
C THR B 201 -17.84 18.02 -32.01
N ALA B 202 -17.52 19.32 -32.00
CA ALA B 202 -18.12 20.28 -32.93
C ALA B 202 -19.63 20.41 -32.77
N ALA B 203 -20.23 21.38 -33.47
CA ALA B 203 -21.65 21.66 -33.31
C ALA B 203 -22.49 20.98 -34.39
N ASP C 1 -9.07 26.68 35.98
CA ASP C 1 -10.38 26.23 35.50
C ASP C 1 -10.54 26.62 34.02
N ILE C 2 -9.44 27.10 33.43
CA ILE C 2 -9.44 27.44 32.00
C ILE C 2 -9.77 26.22 31.16
N SER C 3 -9.19 25.06 31.50
CA SER C 3 -9.44 23.84 30.73
C SER C 3 -10.90 23.41 30.78
N GLU C 4 -11.52 23.49 31.96
CA GLU C 4 -12.92 23.09 32.08
C GLU C 4 -13.83 24.02 31.27
N ARG C 5 -13.51 25.32 31.26
CA ARG C 5 -14.32 26.27 30.51
C ARG C 5 -14.07 26.14 29.02
N PHE C 6 -12.83 25.85 28.63
CA PHE C 6 -12.49 25.70 27.22
C PHE C 6 -13.15 24.47 26.60
N ARG C 7 -13.24 23.39 27.37
CA ARG C 7 -13.91 22.19 26.88
C ARG C 7 -15.40 22.43 26.71
N ARG C 8 -15.99 23.33 27.50
CA ARG C 8 -17.40 23.66 27.31
C ARG C 8 -17.62 24.31 25.95
N LEU C 9 -16.68 25.17 25.53
CA LEU C 9 -16.80 25.85 24.25
C LEU C 9 -16.64 24.87 23.09
N MET C 10 -15.59 24.05 23.13
CA MET C 10 -15.35 23.09 22.07
C MET C 10 -16.54 22.15 21.87
N ARG C 11 -17.22 21.80 22.97
CA ARG C 11 -18.36 20.89 22.87
C ARG C 11 -19.56 21.58 22.22
N ARG C 12 -19.82 22.84 22.60
CA ARG C 12 -20.93 23.57 21.97
C ARG C 12 -20.64 23.87 20.51
N ALA C 13 -19.38 24.20 20.18
CA ALA C 13 -19.04 24.48 18.79
C ALA C 13 -19.18 23.25 17.92
N ASP C 14 -18.95 22.06 18.48
CA ASP C 14 -19.12 20.82 17.73
C ASP C 14 -20.59 20.55 17.43
N GLU C 15 -21.47 20.81 18.39
CA GLU C 15 -22.90 20.67 18.15
C GLU C 15 -23.39 21.65 17.09
N LEU C 16 -22.92 22.90 17.15
CA LEU C 16 -23.41 23.92 16.22
C LEU C 16 -23.02 23.61 14.80
N ALA C 17 -21.77 23.17 14.58
CA ALA C 17 -21.32 22.88 13.22
C ALA C 17 -22.04 21.66 12.64
N ARG C 18 -22.34 20.66 13.48
CA ARG C 18 -23.06 19.49 13.00
C ARG C 18 -24.54 19.78 12.77
N ARG C 19 -25.14 20.67 13.57
CA ARG C 19 -26.52 21.05 13.35
C ARG C 19 -26.70 21.85 12.07
N GLY C 20 -25.67 22.60 11.66
CA GLY C 20 -25.76 23.39 10.45
C GLY C 20 -25.79 24.88 10.67
N ASN C 21 -25.17 25.35 11.77
CA ASN C 21 -25.10 26.77 12.10
C ASN C 21 -23.62 27.17 12.13
N PRO C 22 -23.00 27.35 10.97
CA PRO C 22 -21.56 27.63 10.95
C PRO C 22 -21.22 29.00 11.50
N GLU C 23 -22.06 30.01 11.27
CA GLU C 23 -21.75 31.35 11.75
C GLU C 23 -21.67 31.39 13.27
N GLU C 24 -22.59 30.71 13.96
CA GLU C 24 -22.54 30.66 15.41
C GLU C 24 -21.41 29.74 15.90
N ALA C 25 -21.08 28.70 15.13
CA ALA C 25 -19.96 27.84 15.49
C ALA C 25 -18.65 28.62 15.46
N ARG C 26 -18.50 29.52 14.48
CA ARG C 26 -17.31 30.37 14.43
C ARG C 26 -17.22 31.27 15.66
N LYS C 27 -18.36 31.82 16.10
CA LYS C 27 -18.32 32.71 17.26
C LYS C 27 -17.80 31.98 18.49
N VAL C 28 -18.25 30.75 18.70
CA VAL C 28 -17.74 29.97 19.83
C VAL C 28 -16.24 29.75 19.70
N LEU C 29 -15.81 29.30 18.51
CA LEU C 29 -14.39 29.05 18.29
C LEU C 29 -13.57 30.33 18.43
N GLU C 30 -14.11 31.46 18.00
CA GLU C 30 -13.41 32.72 18.20
C GLU C 30 -13.33 33.08 19.68
N GLU C 31 -14.38 32.75 20.44
CA GLU C 31 -14.31 32.94 21.89
C GLU C 31 -13.27 32.02 22.51
N ALA C 32 -13.24 30.76 22.08
CA ALA C 32 -12.26 29.81 22.60
C ALA C 32 -10.83 30.20 22.23
N GLU C 33 -10.65 30.84 21.08
CA GLU C 33 -9.31 31.21 20.64
C GLU C 33 -8.73 32.31 21.50
N GLU C 34 -9.55 33.29 21.88
CA GLU C 34 -9.07 34.44 22.63
C GLU C 34 -8.55 34.04 24.02
N LEU C 35 -9.20 33.08 24.67
CA LEU C 35 -8.73 32.63 25.97
C LEU C 35 -7.39 31.91 25.85
N MET C 36 -7.21 31.10 24.80
CA MET C 36 -5.95 30.40 24.61
C MET C 36 -4.81 31.36 24.31
N GLU C 37 -5.10 32.45 23.62
CA GLU C 37 -4.08 33.47 23.40
C GLU C 37 -3.64 34.10 24.72
N ARG C 38 -4.56 34.22 25.68
CA ARG C 38 -4.25 34.92 26.92
C ARG C 38 -3.30 34.11 27.80
N TYR C 39 -3.59 32.83 28.03
CA TYR C 39 -2.74 32.02 28.90
C TYR C 39 -2.62 30.58 28.41
N GLY C 40 -3.50 30.19 27.49
CA GLY C 40 -3.52 28.83 26.97
C GLY C 40 -2.25 28.37 26.29
N SER C 41 -2.25 27.15 25.85
CA SER C 41 -1.12 26.51 25.20
C SER C 41 -1.17 26.70 23.69
N PRO C 42 0.01 26.71 23.05
CA PRO C 42 0.03 26.73 21.58
C PRO C 42 -0.70 25.54 20.97
N GLU C 43 -0.55 24.34 21.55
CA GLU C 43 -1.21 23.16 21.01
C GLU C 43 -2.73 23.34 20.97
N LEU C 44 -3.30 23.97 22.00
CA LEU C 44 -4.73 24.21 22.02
C LEU C 44 -5.11 25.46 21.24
N LEU C 45 -4.20 26.44 21.13
CA LEU C 45 -4.46 27.62 20.32
C LEU C 45 -4.47 27.29 18.84
N GLU C 46 -3.55 26.43 18.40
CA GLU C 46 -3.55 26.02 17.00
C GLU C 46 -4.73 25.11 16.68
N SER C 47 -5.22 24.35 17.67
CA SER C 47 -6.35 23.46 17.44
C SER C 47 -7.60 24.24 17.06
N VAL C 48 -7.91 25.32 17.78
CA VAL C 48 -9.08 26.13 17.44
C VAL C 48 -8.87 26.82 16.09
N ARG C 49 -7.67 27.35 15.85
CA ARG C 49 -7.40 28.01 14.57
C ARG C 49 -7.54 27.05 13.39
N MET C 50 -7.20 25.78 13.60
CA MET C 50 -7.43 24.78 12.56
C MET C 50 -8.92 24.59 12.30
N LEU C 51 -9.69 24.39 13.38
CA LEU C 51 -11.14 24.26 13.25
C LEU C 51 -11.75 25.45 12.53
N LEU C 52 -11.28 26.66 12.85
CA LEU C 52 -11.77 27.86 12.18
C LEU C 52 -11.40 27.86 10.72
N GLU C 53 -10.19 27.38 10.39
CA GLU C 53 -9.75 27.33 9.00
C GLU C 53 -10.63 26.41 8.16
N VAL C 54 -11.01 25.25 8.71
CA VAL C 54 -11.87 24.33 7.98
C VAL C 54 -13.26 24.93 7.78
N LEU C 55 -13.75 25.68 8.77
CA LEU C 55 -15.07 26.27 8.68
C LEU C 55 -15.16 27.26 7.51
N GLY C 56 -14.18 28.15 7.41
CA GLY C 56 -14.17 29.15 6.35
C GLY C 56 -15.22 30.24 6.53
N ASP D 1 -4.65 -15.61 -8.54
CA ASP D 1 -4.39 -15.30 -9.94
C ASP D 1 -5.34 -14.22 -10.45
N GLY D 2 -5.03 -13.69 -11.64
CA GLY D 2 -5.84 -12.67 -12.27
C GLY D 2 -5.58 -11.29 -11.72
N SER D 3 -6.12 -10.30 -12.43
CA SER D 3 -6.04 -8.91 -12.01
C SER D 3 -7.28 -8.56 -11.20
N LEU D 4 -7.09 -7.89 -10.08
CA LEU D 4 -8.18 -7.71 -9.13
C LEU D 4 -8.36 -6.25 -8.77
N PRO D 5 -9.59 -5.83 -8.51
CA PRO D 5 -9.83 -4.49 -7.96
C PRO D 5 -9.34 -4.43 -6.52
N PRO D 6 -9.11 -3.24 -5.98
CA PRO D 6 -8.48 -3.17 -4.66
C PRO D 6 -9.35 -3.80 -3.59
N GLU D 7 -8.69 -4.41 -2.62
CA GLU D 7 -9.37 -4.94 -1.45
C GLU D 7 -9.69 -3.80 -0.49
N LYS D 8 -10.79 -3.95 0.23
CA LYS D 8 -11.20 -2.92 1.18
C LYS D 8 -10.13 -2.77 2.25
N PRO D 9 -9.58 -1.57 2.44
CA PRO D 9 -8.56 -1.39 3.48
C PRO D 9 -9.08 -1.74 4.86
N LYS D 10 -8.26 -2.43 5.64
CA LYS D 10 -8.63 -2.90 6.96
C LYS D 10 -7.61 -2.46 8.00
N ASN D 11 -8.03 -2.48 9.26
CA ASN D 11 -7.17 -2.15 10.41
C ASN D 11 -6.60 -0.73 10.27
N LEU D 12 -7.52 0.24 10.20
CA LEU D 12 -7.17 1.65 10.09
C LEU D 12 -6.96 2.22 11.48
N SER D 13 -5.71 2.60 11.79
CA SER D 13 -5.36 3.23 13.05
C SER D 13 -4.64 4.54 12.79
N CYS D 14 -4.69 5.44 13.77
CA CYS D 14 -4.09 6.76 13.66
C CYS D 14 -3.36 7.09 14.95
N ILE D 15 -2.23 7.77 14.84
CA ILE D 15 -1.40 8.12 15.99
C ILE D 15 -0.91 9.56 15.83
N VAL D 16 -1.00 10.33 16.92
CA VAL D 16 -0.47 11.69 16.95
C VAL D 16 0.79 11.71 17.81
N ASN D 17 1.96 11.57 17.19
CA ASN D 17 3.20 11.73 17.91
C ASN D 17 3.40 13.20 18.26
N GLU D 18 3.69 13.48 19.52
CA GLU D 18 3.87 14.86 19.96
C GLU D 18 4.97 15.54 19.16
N GLY D 19 4.62 16.67 18.54
CA GLY D 19 5.52 17.41 17.68
C GLY D 19 5.30 17.17 16.20
N LYS D 20 4.78 16.00 15.84
CA LYS D 20 4.49 15.66 14.46
C LYS D 20 2.98 15.71 14.21
N LYS D 21 2.62 15.70 12.94
CA LYS D 21 1.21 15.70 12.57
C LYS D 21 0.63 14.29 12.69
N MET D 22 -0.70 14.21 12.59
CA MET D 22 -1.38 12.93 12.71
C MET D 22 -1.01 12.01 11.55
N ARG D 23 -0.63 10.79 11.88
CA ARG D 23 -0.30 9.76 10.90
C ARG D 23 -1.25 8.58 11.07
N CYS D 24 -1.72 8.04 9.95
CA CYS D 24 -2.64 6.91 9.95
C CYS D 24 -2.10 5.78 9.09
N GLU D 25 -2.37 4.55 9.52
CA GLU D 25 -1.88 3.35 8.86
C GLU D 25 -3.05 2.42 8.55
N TRP D 26 -2.86 1.56 7.55
CA TRP D 26 -3.91 0.63 7.16
C TRP D 26 -3.26 -0.57 6.47
N ASP D 27 -4.09 -1.57 6.19
CA ASP D 27 -3.68 -2.80 5.50
C ASP D 27 -4.31 -2.79 4.11
N GLY D 28 -3.46 -2.66 3.08
CA GLY D 28 -3.95 -2.55 1.72
C GLY D 28 -4.60 -3.81 1.18
N GLY D 29 -4.34 -4.95 1.80
CA GLY D 29 -4.94 -6.20 1.36
C GLY D 29 -4.13 -6.92 0.31
N ARG D 30 -4.84 -7.80 -0.41
CA ARG D 30 -4.24 -8.69 -1.38
C ARG D 30 -3.57 -7.92 -2.52
N GLU D 31 -2.63 -8.60 -3.18
CA GLU D 31 -1.94 -8.04 -4.34
C GLU D 31 -2.91 -7.94 -5.51
N THR D 32 -3.06 -6.75 -6.07
CA THR D 32 -3.98 -6.51 -7.17
C THR D 32 -3.35 -6.68 -8.55
N HIS D 33 -2.02 -6.72 -8.63
CA HIS D 33 -1.28 -6.77 -9.88
C HIS D 33 -1.55 -5.55 -10.77
N LEU D 34 -2.01 -4.46 -10.15
CA LEU D 34 -2.31 -3.21 -10.82
C LEU D 34 -1.83 -2.05 -9.96
N GLU D 35 -1.49 -0.94 -10.60
CA GLU D 35 -1.10 0.25 -9.88
C GLU D 35 -2.28 0.80 -9.08
N THR D 36 -2.15 0.79 -7.75
CA THR D 36 -3.22 1.20 -6.86
C THR D 36 -2.83 2.49 -6.13
N ASN D 37 -3.75 3.46 -6.13
CA ASN D 37 -3.57 4.72 -5.43
C ASN D 37 -4.38 4.70 -4.15
N PHE D 38 -3.79 5.23 -3.06
CA PHE D 38 -4.45 5.31 -1.76
C PHE D 38 -4.60 6.77 -1.36
N THR D 39 -5.77 7.12 -0.84
CA THR D 39 -6.06 8.46 -0.35
C THR D 39 -6.75 8.38 1.01
N LEU D 40 -6.29 9.22 1.94
CA LEU D 40 -6.83 9.27 3.31
C LEU D 40 -7.72 10.50 3.44
N LYS D 41 -9.03 10.29 3.38
CA LYS D 41 -10.00 11.36 3.50
C LYS D 41 -10.32 11.63 4.97
N SER D 42 -10.61 12.89 5.27
CA SER D 42 -10.84 13.33 6.64
C SER D 42 -11.87 14.46 6.64
N GLU D 43 -12.55 14.62 7.77
CA GLU D 43 -13.56 15.67 7.89
C GLU D 43 -13.99 15.81 9.35
N TRP D 44 -14.54 16.99 9.65
CA TRP D 44 -15.12 17.30 10.95
C TRP D 44 -16.44 18.00 10.71
N ALA D 45 -17.50 17.52 11.37
CA ALA D 45 -18.89 17.95 11.11
C ALA D 45 -19.15 17.67 9.64
N THR D 46 -19.72 18.61 8.87
CA THR D 46 -19.82 18.42 7.43
C THR D 46 -18.52 18.80 6.71
N HIS D 47 -17.76 19.72 7.29
CA HIS D 47 -16.59 20.28 6.60
C HIS D 47 -15.49 19.25 6.46
N LYS D 48 -14.91 19.17 5.27
CA LYS D 48 -13.90 18.18 4.96
C LYS D 48 -12.50 18.76 5.14
N PHE D 49 -11.59 17.89 5.57
CA PHE D 49 -10.18 18.26 5.66
C PHE D 49 -9.51 18.09 4.30
N ALA D 50 -8.27 18.56 4.20
CA ALA D 50 -7.50 18.37 2.98
C ALA D 50 -7.18 16.89 2.80
N ASP D 51 -7.34 16.39 1.58
CA ASP D 51 -7.07 15.00 1.30
C ASP D 51 -5.58 14.69 1.43
N CYS D 52 -5.28 13.46 1.84
CA CYS D 52 -3.91 12.99 2.03
C CYS D 52 -3.66 11.88 1.03
N LYS D 53 -2.70 12.09 0.13
CA LYS D 53 -2.35 11.12 -0.89
C LYS D 53 -1.03 10.44 -0.49
N ALA D 54 -1.10 9.14 -0.25
CA ALA D 54 0.06 8.40 0.24
C ALA D 54 1.14 8.27 -0.81
N LYS D 55 2.39 8.48 -0.40
CA LYS D 55 3.53 8.33 -1.31
C LYS D 55 3.67 6.89 -1.77
N ARG D 56 4.35 6.72 -2.90
CA ARG D 56 4.56 5.39 -3.45
C ARG D 56 5.52 4.55 -2.63
N ASP D 57 6.41 5.19 -1.86
CA ASP D 57 7.33 4.45 -1.00
C ASP D 57 6.64 3.93 0.25
N THR D 58 5.60 4.62 0.72
CA THR D 58 4.85 4.23 1.91
C THR D 58 3.38 4.14 1.52
N PRO D 59 2.98 3.08 0.82
CA PRO D 59 1.61 3.00 0.30
C PRO D 59 0.56 2.65 1.34
N THR D 60 0.95 2.41 2.60
CA THR D 60 0.00 2.09 3.65
C THR D 60 0.04 3.08 4.80
N SER D 61 0.53 4.29 4.55
CA SER D 61 0.61 5.30 5.60
C SER D 61 0.48 6.69 4.98
N CYS D 62 -0.13 7.60 5.74
CA CYS D 62 -0.27 8.99 5.33
C CYS D 62 -0.19 9.87 6.56
N THR D 63 0.54 10.99 6.44
CA THR D 63 0.65 11.99 7.51
C THR D 63 -0.01 13.27 7.01
N VAL D 64 -1.13 13.64 7.65
CA VAL D 64 -1.96 14.75 7.17
C VAL D 64 -1.18 16.06 7.15
N ASP D 65 -1.71 17.04 6.40
CA ASP D 65 -1.10 18.35 6.31
C ASP D 65 -1.64 19.34 7.32
N TYR D 66 -2.77 19.05 7.96
CA TYR D 66 -3.36 19.97 8.91
C TYR D 66 -2.89 19.66 10.33
N SER D 67 -2.79 20.71 11.14
CA SER D 67 -2.35 20.56 12.51
C SER D 67 -3.32 19.70 13.30
N THR D 68 -2.80 19.05 14.33
CA THR D 68 -3.63 18.19 15.17
C THR D 68 -4.68 19.01 15.91
N VAL D 69 -5.91 18.52 15.90
CA VAL D 69 -7.05 19.20 16.51
C VAL D 69 -7.57 18.32 17.64
N TYR D 70 -7.81 18.92 18.81
CA TYR D 70 -8.19 18.20 20.00
C TYR D 70 -9.61 18.54 20.43
N PHE D 71 -10.22 17.61 21.16
CA PHE D 71 -11.52 17.77 21.83
C PHE D 71 -12.69 17.89 20.86
N VAL D 72 -12.54 17.40 19.63
CA VAL D 72 -13.65 17.25 18.69
C VAL D 72 -13.56 15.87 18.04
N ASN D 73 -14.65 15.47 17.40
CA ASN D 73 -14.78 14.13 16.82
C ASN D 73 -14.68 14.22 15.30
N ILE D 74 -13.60 13.70 14.74
CA ILE D 74 -13.37 13.70 13.30
C ILE D 74 -13.70 12.33 12.73
N GLU D 75 -13.87 12.28 11.41
CA GLU D 75 -14.19 11.06 10.69
C GLU D 75 -13.11 10.80 9.64
N VAL D 76 -12.50 9.61 9.69
CA VAL D 76 -11.38 9.26 8.82
C VAL D 76 -11.71 7.96 8.09
N TRP D 77 -11.22 7.85 6.84
CA TRP D 77 -11.34 6.63 6.07
C TRP D 77 -10.38 6.68 4.89
N VAL D 78 -10.01 5.49 4.40
CA VAL D 78 -9.08 5.32 3.30
C VAL D 78 -9.85 4.95 2.04
N GLU D 79 -9.43 5.49 0.90
CA GLU D 79 -10.05 5.23 -0.39
C GLU D 79 -8.99 4.68 -1.34
N ALA D 80 -9.14 3.41 -1.73
CA ALA D 80 -8.20 2.74 -2.62
C ALA D 80 -8.81 2.60 -4.01
N GLU D 81 -7.96 2.72 -5.03
CA GLU D 81 -8.44 2.71 -6.41
C GLU D 81 -7.34 2.23 -7.35
N ASN D 82 -7.73 1.44 -8.34
CA ASN D 82 -6.85 1.06 -9.44
C ASN D 82 -7.69 1.00 -10.71
N ALA D 83 -7.10 0.45 -11.78
CA ALA D 83 -7.79 0.40 -13.07
C ALA D 83 -9.11 -0.37 -13.04
N LEU D 84 -9.32 -1.22 -12.03
CA LEU D 84 -10.49 -2.09 -12.01
C LEU D 84 -11.55 -1.70 -10.99
N GLY D 85 -11.35 -0.63 -10.23
CA GLY D 85 -12.37 -0.23 -9.29
C GLY D 85 -11.84 0.65 -8.19
N LYS D 86 -12.79 1.23 -7.45
CA LYS D 86 -12.50 2.11 -6.32
C LYS D 86 -13.32 1.63 -5.13
N VAL D 87 -12.63 1.32 -4.04
CA VAL D 87 -13.29 0.87 -2.81
C VAL D 87 -12.88 1.77 -1.67
N THR D 88 -13.79 1.94 -0.71
CA THR D 88 -13.54 2.73 0.49
C THR D 88 -13.60 1.84 1.72
N SER D 89 -12.78 2.18 2.71
CA SER D 89 -12.76 1.43 3.95
C SER D 89 -13.93 1.84 4.84
N ASP D 90 -14.08 1.15 5.97
CA ASP D 90 -15.07 1.54 6.96
C ASP D 90 -14.62 2.80 7.68
N HIS D 91 -15.53 3.73 7.89
CA HIS D 91 -15.19 4.99 8.53
C HIS D 91 -14.92 4.78 10.02
N ILE D 92 -13.97 5.54 10.54
CA ILE D 92 -13.66 5.54 11.97
C ILE D 92 -13.93 6.93 12.52
N ASN D 93 -14.39 6.99 13.77
CA ASN D 93 -14.72 8.23 14.43
C ASN D 93 -14.01 8.26 15.78
N PHE D 94 -13.20 9.29 16.01
CA PHE D 94 -12.41 9.35 17.23
C PHE D 94 -12.05 10.80 17.53
N ASP D 95 -11.61 11.02 18.76
CA ASP D 95 -11.11 12.31 19.21
C ASP D 95 -9.60 12.22 19.30
N PRO D 96 -8.85 12.96 18.47
CA PRO D 96 -7.39 12.78 18.41
C PRO D 96 -6.68 12.94 19.75
N VAL D 97 -7.36 13.55 20.73
CA VAL D 97 -6.78 13.68 22.06
C VAL D 97 -6.52 12.31 22.70
N TYR D 98 -7.24 11.28 22.26
CA TYR D 98 -7.06 9.93 22.79
C TYR D 98 -6.06 9.10 21.99
N LYS D 99 -5.30 9.72 21.08
CA LYS D 99 -4.36 9.00 20.23
C LYS D 99 -2.99 9.68 20.27
N VAL D 100 -2.60 10.20 21.42
CA VAL D 100 -1.37 10.98 21.56
C VAL D 100 -0.27 10.10 22.10
N LYS D 101 0.93 10.22 21.50
CA LYS D 101 2.14 9.60 22.03
C LYS D 101 3.09 10.69 22.49
N PRO D 102 3.15 11.02 23.77
CA PRO D 102 3.99 12.13 24.23
C PRO D 102 5.47 11.83 24.05
N ASN D 103 6.26 12.88 24.21
CA ASN D 103 7.71 12.73 24.30
C ASN D 103 8.10 12.36 25.73
N PRO D 104 9.13 11.54 25.91
CA PRO D 104 9.55 11.17 27.25
C PRO D 104 9.99 12.40 28.03
N PRO D 105 9.78 12.40 29.34
CA PRO D 105 10.23 13.55 30.15
C PRO D 105 11.74 13.70 30.12
N HIS D 106 12.20 14.95 30.08
CA HIS D 106 13.62 15.29 30.08
C HIS D 106 14.00 15.93 31.41
N ASN D 107 15.29 16.28 31.53
CA ASN D 107 15.85 16.92 32.73
C ASN D 107 15.82 16.00 33.95
N LEU D 108 15.93 14.69 33.75
CA LEU D 108 15.92 13.76 34.87
C LEU D 108 17.12 14.00 35.78
N SER D 109 16.85 14.20 37.06
CA SER D 109 17.89 14.50 38.04
C SER D 109 17.52 13.85 39.37
N VAL D 110 18.56 13.56 40.16
CA VAL D 110 18.37 12.97 41.48
C VAL D 110 18.62 14.01 42.57
N GLU D 115 23.93 10.78 51.36
CA GLU D 115 22.64 10.39 51.93
C GLU D 115 22.32 8.92 51.80
N LEU D 116 22.90 8.09 52.67
CA LEU D 116 22.67 6.65 52.63
C LEU D 116 21.34 6.26 53.25
N SER D 117 20.40 7.20 53.35
CA SER D 117 19.10 6.95 53.96
C SER D 117 18.32 6.04 53.01
N SER D 118 17.02 5.90 53.23
CA SER D 118 16.26 4.94 52.45
C SER D 118 15.50 5.57 51.29
N ILE D 119 15.46 6.90 51.23
CA ILE D 119 14.70 7.61 50.20
C ILE D 119 15.65 8.50 49.41
N LEU D 120 15.36 8.65 48.11
CA LEU D 120 16.07 9.55 47.21
C LEU D 120 15.04 10.25 46.33
N LYS D 121 15.15 11.57 46.21
CA LYS D 121 14.20 12.39 45.48
C LYS D 121 14.59 12.54 44.01
N LEU D 122 13.58 12.45 43.13
CA LEU D 122 13.74 12.60 41.69
C LEU D 122 12.91 13.79 41.20
N THR D 123 13.40 14.45 40.16
CA THR D 123 12.69 15.54 39.50
C THR D 123 12.89 15.44 37.99
N TRP D 124 11.89 15.89 37.23
CA TRP D 124 11.94 15.86 35.78
C TRP D 124 11.13 17.04 35.24
N THR D 125 11.09 17.14 33.91
CA THR D 125 10.30 18.16 33.22
C THR D 125 9.32 17.46 32.28
N ASN D 126 8.04 17.73 32.46
CA ASN D 126 7.01 17.09 31.65
C ASN D 126 7.06 17.59 30.21
N PRO D 127 6.61 16.79 29.25
CA PRO D 127 6.53 17.26 27.87
C PRO D 127 5.49 18.35 27.70
N SER D 128 5.63 19.11 26.62
CA SER D 128 4.75 20.25 26.38
C SER D 128 3.29 19.83 26.28
N ILE D 129 3.02 18.59 25.85
CA ILE D 129 1.65 18.10 25.69
C ILE D 129 0.90 18.01 27.02
N LYS D 130 1.57 18.26 28.14
CA LYS D 130 0.89 18.28 29.43
C LYS D 130 -0.20 19.35 29.49
N SER D 131 -0.15 20.35 28.61
CA SER D 131 -1.17 21.39 28.58
C SER D 131 -2.50 20.88 28.08
N VAL D 132 -2.52 19.80 27.29
CA VAL D 132 -3.75 19.26 26.75
C VAL D 132 -4.30 18.14 27.63
N ILE D 133 -3.46 17.15 27.91
CA ILE D 133 -3.87 15.97 28.63
C ILE D 133 -3.23 15.98 30.01
N ILE D 134 -3.77 15.14 30.90
CA ILE D 134 -3.19 14.87 32.20
C ILE D 134 -2.40 13.58 32.09
N LEU D 135 -1.14 13.61 32.51
CA LEU D 135 -0.22 12.51 32.27
C LEU D 135 -0.31 11.46 33.36
N LYS D 136 -0.11 10.21 32.95
CA LYS D 136 0.13 9.10 33.86
C LYS D 136 1.51 8.54 33.58
N TYR D 137 2.23 8.18 34.63
CA TYR D 137 3.64 7.86 34.52
C TYR D 137 3.89 6.39 34.83
N ASN D 138 5.14 5.98 34.63
CA ASN D 138 5.56 4.60 34.87
C ASN D 138 7.05 4.66 35.19
N ILE D 139 7.36 4.76 36.49
CA ILE D 139 8.73 4.95 36.94
C ILE D 139 9.34 3.58 37.26
N GLN D 140 10.52 3.33 36.71
CA GLN D 140 11.26 2.11 36.96
C GLN D 140 12.63 2.44 37.53
N TYR D 141 13.16 1.52 38.33
CA TYR D 141 14.44 1.73 39.01
C TYR D 141 15.09 0.37 39.23
N ARG D 142 16.42 0.40 39.34
CA ARG D 142 17.19 -0.82 39.59
C ARG D 142 18.58 -0.43 40.06
N THR D 143 19.28 -1.40 40.66
CA THR D 143 20.67 -1.20 41.02
C THR D 143 21.54 -1.23 39.76
N LYS D 144 22.80 -0.82 39.92
CA LYS D 144 23.72 -0.80 38.78
C LYS D 144 23.91 -2.19 38.18
N ASP D 145 24.02 -3.20 39.03
CA ASP D 145 24.30 -4.56 38.59
C ASP D 145 23.04 -5.38 38.33
N ALA D 146 21.86 -4.77 38.43
CA ALA D 146 20.63 -5.52 38.28
C ALA D 146 20.37 -5.88 36.81
N SER D 147 19.83 -7.08 36.59
CA SER D 147 19.45 -7.51 35.25
C SER D 147 18.02 -7.09 34.90
N THR D 148 17.09 -7.20 35.85
CA THR D 148 15.71 -6.80 35.64
C THR D 148 15.42 -5.48 36.34
N TRP D 149 14.41 -4.78 35.83
CA TRP D 149 13.99 -3.50 36.40
C TRP D 149 12.87 -3.71 37.42
N SER D 150 12.94 -2.97 38.51
CA SER D 150 11.86 -2.93 39.48
C SER D 150 10.88 -1.83 39.11
N GLN D 151 9.64 -1.96 39.59
CA GLN D 151 8.55 -1.09 39.19
C GLN D 151 8.07 -0.27 40.38
N ILE D 152 7.89 1.03 40.15
CA ILE D 152 7.19 1.87 41.12
C ILE D 152 5.69 1.70 40.90
N PRO D 153 4.91 1.40 41.94
CA PRO D 153 3.47 1.14 41.76
C PRO D 153 2.80 2.20 40.92
N PRO D 154 2.29 1.84 39.74
CA PRO D 154 1.70 2.83 38.83
C PRO D 154 0.49 3.57 39.39
N GLU D 155 -0.07 3.13 40.52
CA GLU D 155 -1.28 3.77 41.04
C GLU D 155 -0.98 5.11 41.73
N ASP D 156 0.23 5.31 42.25
CA ASP D 156 0.56 6.61 42.81
C ASP D 156 1.07 7.58 41.74
N THR D 157 1.83 7.08 40.76
CA THR D 157 2.28 7.91 39.64
C THR D 157 1.20 7.87 38.56
N ALA D 158 0.08 8.51 38.88
CA ALA D 158 -1.10 8.48 38.02
C ALA D 158 -1.64 9.87 37.71
N SER D 159 -0.94 10.93 38.10
CA SER D 159 -1.35 12.29 37.80
C SER D 159 -0.12 13.13 37.47
N THR D 160 -0.35 14.23 36.77
CA THR D 160 0.74 15.10 36.34
C THR D 160 1.51 15.62 37.55
N ARG D 161 2.83 15.47 37.52
CA ARG D 161 3.68 15.85 38.63
C ARG D 161 5.09 16.08 38.10
N SER D 162 5.84 16.92 38.82
CA SER D 162 7.22 17.24 38.46
C SER D 162 8.25 16.44 39.23
N SER D 163 7.85 15.74 40.30
CA SER D 163 8.81 15.05 41.15
C SER D 163 8.16 13.84 41.80
N PHE D 164 9.00 12.99 42.37
CA PHE D 164 8.56 11.78 43.07
C PHE D 164 9.69 11.34 44.01
N THR D 165 9.31 10.85 45.19
CA THR D 165 10.26 10.43 46.21
C THR D 165 10.23 8.91 46.35
N VAL D 166 11.25 8.25 45.81
CA VAL D 166 11.36 6.79 45.85
C VAL D 166 11.79 6.35 47.24
N GLN D 167 11.01 5.45 47.85
CA GLN D 167 11.27 4.96 49.20
C GLN D 167 11.88 3.57 49.18
N ASP D 168 12.28 3.11 50.37
CA ASP D 168 12.64 1.72 50.63
C ASP D 168 13.85 1.28 49.80
N LEU D 169 14.90 2.09 49.82
CA LEU D 169 16.14 1.77 49.11
C LEU D 169 17.26 1.45 50.10
N LYS D 170 18.17 0.57 49.66
CA LYS D 170 19.26 0.12 50.50
C LYS D 170 20.34 1.21 50.64
N PRO D 171 21.06 1.23 51.76
CA PRO D 171 22.02 2.30 51.99
C PRO D 171 23.26 2.17 51.10
N PHE D 172 23.75 3.32 50.65
CA PHE D 172 24.97 3.46 49.84
C PHE D 172 25.03 2.41 48.74
N THR D 173 23.98 2.40 47.92
CA THR D 173 23.94 1.55 46.74
C THR D 173 23.64 2.37 45.48
N VAL D 176 19.85 3.53 39.16
CA VAL D 176 19.45 4.21 37.93
C VAL D 176 17.93 4.17 37.78
N PHE D 177 17.37 5.23 37.18
CA PHE D 177 15.93 5.37 37.05
C PHE D 177 15.59 5.75 35.62
N ARG D 178 14.36 5.43 35.21
CA ARG D 178 13.83 5.85 33.92
C ARG D 178 12.32 5.95 34.05
N ILE D 179 11.74 6.87 33.27
CA ILE D 179 10.33 7.21 33.43
C ILE D 179 9.64 7.25 32.07
N ARG D 180 8.36 6.89 32.07
CA ARG D 180 7.49 6.91 30.90
C ARG D 180 6.25 7.73 31.22
N CYS D 181 5.55 8.18 30.18
CA CYS D 181 4.36 8.98 30.40
C CYS D 181 3.34 8.70 29.30
N MET D 182 2.08 8.99 29.61
CA MET D 182 0.96 8.85 28.68
C MET D 182 -0.28 9.43 29.35
N LYS D 183 -1.34 9.59 28.55
CA LYS D 183 -2.60 10.12 29.07
C LYS D 183 -3.14 9.24 30.19
N GLU D 184 -3.60 9.90 31.27
CA GLU D 184 -4.06 9.18 32.45
C GLU D 184 -5.25 8.27 32.18
N ASP D 185 -6.00 8.51 31.10
CA ASP D 185 -7.10 7.62 30.73
C ASP D 185 -6.61 6.21 30.45
N GLY D 186 -5.37 6.07 30.00
CA GLY D 186 -4.96 4.87 29.31
C GLY D 186 -5.36 4.85 27.85
N LYS D 187 -6.05 5.89 27.39
CA LYS D 187 -6.51 6.01 26.01
C LYS D 187 -5.44 6.79 25.25
N GLY D 188 -4.51 6.07 24.64
CA GLY D 188 -3.43 6.70 23.92
C GLY D 188 -2.25 5.76 23.81
N TYR D 189 -1.08 6.33 23.55
CA TYR D 189 0.14 5.56 23.37
C TYR D 189 1.16 5.97 24.42
N TRP D 190 1.90 4.99 24.92
CA TRP D 190 2.96 5.27 25.88
C TRP D 190 4.12 5.97 25.19
N SER D 191 4.74 6.90 25.91
CA SER D 191 5.97 7.51 25.42
C SER D 191 7.12 6.51 25.53
N ASP D 192 8.22 6.82 24.88
CA ASP D 192 9.42 6.00 25.01
C ASP D 192 10.04 6.24 26.38
N TRP D 193 11.08 5.48 26.69
CA TRP D 193 11.76 5.66 27.97
C TRP D 193 12.58 6.93 27.96
N SER D 194 12.65 7.58 29.12
CA SER D 194 13.47 8.77 29.25
C SER D 194 14.95 8.38 29.38
N GLU D 195 15.81 9.39 29.32
CA GLU D 195 17.22 9.16 29.60
C GLU D 195 17.38 8.71 31.06
N GLU D 196 18.28 7.77 31.28
CA GLU D 196 18.47 7.23 32.61
C GLU D 196 19.24 8.20 33.48
N ALA D 197 18.85 8.28 34.75
CA ALA D 197 19.52 9.13 35.73
C ALA D 197 20.12 8.24 36.80
N SER D 198 21.29 8.62 37.30
CA SER D 198 22.05 7.78 38.22
C SER D 198 22.28 8.51 39.53
N GLY D 199 22.62 7.73 40.55
CA GLY D 199 22.88 8.29 41.85
C GLY D 199 23.25 7.18 42.82
N ILE D 200 23.93 7.59 43.89
CA ILE D 200 24.33 6.68 44.95
C ILE D 200 23.61 7.14 46.22
N THR D 201 23.31 6.18 47.07
CA THR D 201 22.46 6.44 48.21
C THR D 201 23.28 6.99 49.37
#